data_1E3O
#
_entry.id   1E3O
#
_cell.length_a   93.300
_cell.length_b   52.400
_cell.length_c   69.000
_cell.angle_alpha   90.00
_cell.angle_beta   127.60
_cell.angle_gamma   90.00
#
_symmetry.space_group_name_H-M   'C 1 2 1'
#
loop_
_entity.id
_entity.type
_entity.pdbx_description
1 polymer "5'-D(*AP*TP*GP*CP*AP*TP*GP*AP*GP*GP*A)-3'"
2 polymer "5'-D(*TP*CP*CP*TP*CP*AP*TP*GP*CP*AP*T)-3'"
3 polymer 'OCTAMER-BINDING TRANSCRIPTION FACTOR 1'
4 water water
#
loop_
_entity_poly.entity_id
_entity_poly.type
_entity_poly.pdbx_seq_one_letter_code
_entity_poly.pdbx_strand_id
1 'polydeoxyribonucleotide' (DA)(DT)(DG)(DC)(DA)(DT)(DG)(DA)(DG)(DG)(DA) A
2 'polydeoxyribonucleotide' (DT)(DC)(DC)(DT)(DC)(DA)(DT)(DG)(DC)(DA)(DT) B
3 'polypeptide(L)'
;EEPSDLEELEQFAKTFKQRRIKLGFTQGDVGLAMGKLYGNDFSQTTISRFEALNLSFKNMSKLKPLLEKWLNDAEANLSS
DSSLSSPSALNSPGIEGLSRRRKKRTSIETNIRVALEKSFMENQKPTSEDITLIAEQLNMEKEVIRVWFSNRRQKEKRIN
;
C
#
# COMPACT_ATOMS: atom_id res chain seq x y z
N GLU C 1 -10.36 -3.21 -23.34
CA GLU C 1 -9.41 -3.36 -22.20
C GLU C 1 -8.17 -4.18 -22.55
N GLU C 2 -7.01 -3.52 -22.47
CA GLU C 2 -5.72 -4.14 -22.77
C GLU C 2 -4.96 -4.48 -21.48
N PRO C 3 -4.92 -3.55 -20.51
CA PRO C 3 -4.20 -3.84 -19.27
C PRO C 3 -4.82 -5.00 -18.49
N SER C 4 -4.00 -5.61 -17.64
CA SER C 4 -4.44 -6.73 -16.82
C SER C 4 -5.65 -6.35 -15.95
N ASP C 5 -6.66 -7.22 -15.90
CA ASP C 5 -7.82 -6.96 -15.06
C ASP C 5 -7.47 -7.53 -13.69
N LEU C 6 -8.38 -7.38 -12.73
CA LEU C 6 -8.12 -7.81 -11.37
C LEU C 6 -7.74 -9.28 -11.22
N GLU C 7 -8.46 -10.16 -11.90
CA GLU C 7 -8.15 -11.57 -11.81
C GLU C 7 -6.77 -11.89 -12.38
N GLU C 8 -6.42 -11.22 -13.47
CA GLU C 8 -5.12 -11.47 -14.08
C GLU C 8 -3.98 -10.95 -13.19
N LEU C 9 -4.21 -9.80 -12.54
CA LEU C 9 -3.18 -9.22 -11.64
C LEU C 9 -2.99 -10.16 -10.44
N GLU C 10 -4.07 -10.76 -9.95
CA GLU C 10 -3.98 -11.69 -8.83
C GLU C 10 -3.14 -12.90 -9.24
N GLN C 11 -3.27 -13.32 -10.50
CA GLN C 11 -2.51 -14.47 -10.99
C GLN C 11 -1.03 -14.10 -11.17
N PHE C 12 -0.77 -12.92 -11.72
CA PHE C 12 0.59 -12.46 -11.91
C PHE C 12 1.27 -12.38 -10.52
N ALA C 13 0.54 -11.87 -9.51
CA ALA C 13 1.09 -11.73 -8.16
C ALA C 13 1.47 -13.07 -7.61
N LYS C 14 0.60 -14.04 -7.86
CA LYS C 14 0.80 -15.41 -7.44
C LYS C 14 2.10 -15.93 -8.07
N THR C 15 2.14 -15.80 -9.40
CA THR C 15 3.28 -16.29 -10.18
C THR C 15 4.61 -15.65 -9.77
N PHE C 16 4.57 -14.31 -9.65
CA PHE C 16 5.74 -13.55 -9.26
C PHE C 16 6.29 -14.04 -7.93
N LYS C 17 5.41 -14.21 -6.94
CA LYS C 17 5.87 -14.66 -5.61
C LYS C 17 6.44 -16.07 -5.65
N GLN C 18 5.83 -16.92 -6.46
CA GLN C 18 6.33 -18.28 -6.58
C GLN C 18 7.74 -18.32 -7.16
N ARG C 19 7.95 -17.58 -8.24
CA ARG C 19 9.22 -17.50 -8.92
C ARG C 19 10.28 -16.90 -7.99
N ARG C 20 9.92 -15.84 -7.29
CA ARG C 20 10.85 -15.21 -6.37
C ARG C 20 11.35 -16.20 -5.34
N ILE C 21 10.41 -16.92 -4.71
CA ILE C 21 10.76 -17.89 -3.70
C ILE C 21 11.53 -19.05 -4.31
N LYS C 22 11.06 -19.52 -5.46
CA LYS C 22 11.74 -20.63 -6.12
C LYS C 22 13.21 -20.25 -6.35
N LEU C 23 13.45 -19.02 -6.78
CA LEU C 23 14.81 -18.55 -7.05
C LEU C 23 15.62 -18.17 -5.82
N GLY C 24 14.98 -18.20 -4.64
CA GLY C 24 15.70 -17.88 -3.41
C GLY C 24 15.90 -16.41 -3.08
N PHE C 25 15.09 -15.53 -3.65
CA PHE C 25 15.23 -14.10 -3.38
C PHE C 25 14.23 -13.63 -2.29
N THR C 26 14.65 -12.68 -1.45
CA THR C 26 13.76 -12.09 -0.45
C THR C 26 13.02 -10.95 -1.17
N GLN C 27 11.99 -10.37 -0.56
CA GLN C 27 11.29 -9.27 -1.21
C GLN C 27 12.28 -8.12 -1.33
N GLY C 28 13.13 -8.00 -0.30
CA GLY C 28 14.14 -6.93 -0.33
C GLY C 28 15.10 -7.09 -1.52
N ASP C 29 15.55 -8.32 -1.72
CA ASP C 29 16.48 -8.66 -2.84
C ASP C 29 15.89 -8.18 -4.14
N VAL C 30 14.62 -8.51 -4.37
CA VAL C 30 13.99 -8.06 -5.60
C VAL C 30 13.92 -6.56 -5.74
N GLY C 31 13.55 -5.88 -4.65
CA GLY C 31 13.45 -4.45 -4.72
C GLY C 31 14.80 -3.85 -5.09
N LEU C 32 15.85 -4.41 -4.54
CA LEU C 32 17.22 -3.92 -4.82
C LEU C 32 17.60 -4.20 -6.28
N ALA C 33 17.27 -5.40 -6.76
CA ALA C 33 17.59 -5.81 -8.17
C ALA C 33 16.89 -4.90 -9.20
N MET C 34 15.68 -4.47 -8.87
CA MET C 34 14.94 -3.59 -9.72
C MET C 34 15.71 -2.28 -9.93
N GLY C 35 16.40 -1.82 -8.89
CA GLY C 35 17.16 -0.60 -9.07
C GLY C 35 18.44 -0.92 -9.88
N LYS C 36 19.13 -1.98 -9.50
CA LYS C 36 20.39 -2.29 -10.22
C LYS C 36 20.20 -2.66 -11.68
N LEU C 37 19.17 -3.43 -11.97
CA LEU C 37 18.94 -3.88 -13.33
C LEU C 37 18.06 -3.02 -14.20
N TYR C 38 17.07 -2.39 -13.59
CA TYR C 38 16.15 -1.60 -14.38
C TYR C 38 16.07 -0.14 -14.09
N GLY C 39 16.90 0.32 -13.15
CA GLY C 39 16.93 1.75 -12.89
C GLY C 39 15.90 2.34 -11.98
N ASN C 40 15.12 1.50 -11.31
CA ASN C 40 14.08 2.01 -10.41
C ASN C 40 13.97 1.07 -9.24
N ASP C 41 14.71 1.32 -8.17
CA ASP C 41 14.63 0.40 -7.04
C ASP C 41 13.27 0.56 -6.31
N PHE C 42 12.86 -0.51 -5.64
CA PHE C 42 11.66 -0.51 -4.85
C PHE C 42 11.96 -1.03 -3.47
N SER C 43 11.18 -0.61 -2.47
CA SER C 43 11.41 -1.08 -1.12
C SER C 43 10.81 -2.46 -0.86
N GLN C 44 11.26 -3.09 0.21
CA GLN C 44 10.68 -4.39 0.63
C GLN C 44 9.17 -4.19 0.85
N THR C 45 8.83 -3.04 1.45
CA THR C 45 7.39 -2.73 1.70
C THR C 45 6.54 -2.78 0.43
N THR C 46 7.02 -2.17 -0.63
CA THR C 46 6.25 -2.15 -1.88
C THR C 46 6.15 -3.54 -2.48
N ILE C 47 7.23 -4.30 -2.42
CA ILE C 47 7.20 -5.68 -2.98
C ILE C 47 6.18 -6.51 -2.15
N SER C 48 6.22 -6.36 -0.81
CA SER C 48 5.24 -7.06 0.06
C SER C 48 3.80 -6.64 -0.31
N ARG C 49 3.53 -5.34 -0.48
CA ARG C 49 2.17 -4.89 -0.81
C ARG C 49 1.73 -5.42 -2.20
N PHE C 50 2.65 -5.35 -3.14
CA PHE C 50 2.33 -5.86 -4.44
C PHE C 50 1.92 -7.35 -4.37
N GLU C 51 2.74 -8.19 -3.73
CA GLU C 51 2.48 -9.64 -3.64
C GLU C 51 1.19 -10.00 -2.92
N ALA C 52 0.75 -9.11 -2.06
CA ALA C 52 -0.51 -9.29 -1.31
C ALA C 52 -1.71 -8.55 -1.91
N LEU C 53 -1.46 -7.82 -3.00
CA LEU C 53 -2.39 -6.89 -3.64
C LEU C 53 -2.91 -5.86 -2.61
N ASN C 54 -2.05 -5.50 -1.64
CA ASN C 54 -2.43 -4.43 -0.67
C ASN C 54 -2.13 -3.04 -1.26
N LEU C 55 -2.61 -2.81 -2.49
CA LEU C 55 -2.45 -1.58 -3.20
C LEU C 55 -3.72 -1.42 -4.03
N SER C 56 -3.94 -0.23 -4.54
CA SER C 56 -5.10 -0.01 -5.40
C SER C 56 -4.86 -0.69 -6.76
N PHE C 57 -5.93 -0.91 -7.51
CA PHE C 57 -5.78 -1.51 -8.84
C PHE C 57 -4.96 -0.53 -9.69
N LYS C 58 -5.17 0.78 -9.50
CA LYS C 58 -4.41 1.76 -10.23
C LYS C 58 -2.87 1.61 -10.00
N ASN C 59 -2.47 1.41 -8.76
CA ASN C 59 -1.02 1.31 -8.44
C ASN C 59 -0.45 -0.05 -8.90
N MET C 60 -1.20 -1.13 -8.68
CA MET C 60 -0.79 -2.47 -9.12
C MET C 60 -0.54 -2.47 -10.63
N SER C 61 -1.38 -1.74 -11.37
CA SER C 61 -1.28 -1.68 -12.82
C SER C 61 0.01 -0.98 -13.26
N LYS C 62 0.43 0.05 -12.51
CA LYS C 62 1.67 0.75 -12.82
C LYS C 62 2.83 -0.19 -12.56
N LEU C 63 2.85 -0.83 -11.40
CA LEU C 63 3.95 -1.74 -11.02
C LEU C 63 4.11 -3.07 -11.80
N LYS C 64 3.00 -3.64 -12.28
CA LYS C 64 3.10 -4.95 -12.90
C LYS C 64 4.07 -4.99 -14.07
N PRO C 65 3.97 -4.04 -15.01
CA PRO C 65 4.87 -3.99 -16.16
C PRO C 65 6.34 -3.93 -15.70
N LEU C 66 6.61 -3.15 -14.66
CA LEU C 66 7.98 -3.02 -14.18
C LEU C 66 8.48 -4.31 -13.57
N LEU C 67 7.67 -4.95 -12.72
CA LEU C 67 8.09 -6.19 -12.11
C LEU C 67 8.16 -7.30 -13.11
N GLU C 68 7.46 -7.12 -14.23
CA GLU C 68 7.48 -8.15 -15.22
C GLU C 68 8.85 -8.23 -15.90
N LYS C 69 9.55 -7.10 -16.03
CA LYS C 69 10.88 -7.18 -16.63
C LYS C 69 11.75 -8.02 -15.71
N TRP C 70 11.61 -7.84 -14.39
CA TRP C 70 12.42 -8.62 -13.48
C TRP C 70 12.16 -10.08 -13.60
N LEU C 71 10.87 -10.44 -13.60
CA LEU C 71 10.43 -11.83 -13.66
C LEU C 71 10.99 -12.53 -14.90
N ASN C 72 10.78 -11.92 -16.06
CA ASN C 72 11.30 -12.47 -17.30
C ASN C 72 12.80 -12.76 -17.17
N ASP C 73 13.58 -11.73 -16.87
CA ASP C 73 15.04 -11.86 -16.74
C ASP C 73 15.55 -12.82 -15.66
N ALA C 74 14.85 -12.90 -14.52
CA ALA C 74 15.29 -13.79 -13.45
C ALA C 74 15.26 -15.24 -13.92
N GLU C 75 14.51 -15.48 -15.01
CA GLU C 75 14.37 -16.81 -15.63
C GLU C 75 15.51 -17.10 -16.61
N LYS C 104 8.88 14.41 15.24
CA LYS C 104 9.09 12.97 15.43
C LYS C 104 7.78 12.19 15.24
N ARG C 105 7.89 10.96 14.74
CA ARG C 105 6.72 10.09 14.51
C ARG C 105 5.96 9.81 15.82
N THR C 106 4.65 9.59 15.70
CA THR C 106 3.86 9.31 16.88
C THR C 106 3.04 8.04 16.68
N SER C 107 2.93 7.24 17.74
CA SER C 107 2.18 5.96 17.73
C SER C 107 0.82 6.18 18.39
N ILE C 108 -0.25 5.87 17.67
CA ILE C 108 -1.64 6.06 18.13
C ILE C 108 -2.14 4.98 19.09
N GLU C 109 -2.82 5.44 20.14
CA GLU C 109 -3.36 4.55 21.17
C GLU C 109 -4.47 3.65 20.65
N THR C 110 -4.54 2.45 21.23
CA THR C 110 -5.53 1.46 20.83
C THR C 110 -6.98 1.93 20.86
N ASN C 111 -7.35 2.68 21.90
CA ASN C 111 -8.71 3.18 22.03
C ASN C 111 -8.98 4.30 21.01
N ILE C 112 -7.98 5.15 20.78
CA ILE C 112 -8.14 6.25 19.84
C ILE C 112 -8.41 5.67 18.43
N ARG C 113 -7.72 4.58 18.12
CA ARG C 113 -7.88 3.91 16.83
C ARG C 113 -9.34 3.54 16.59
N VAL C 114 -9.90 2.73 17.49
CA VAL C 114 -11.28 2.29 17.38
C VAL C 114 -12.23 3.46 17.13
N ALA C 115 -12.12 4.52 17.93
CA ALA C 115 -12.96 5.70 17.78
C ALA C 115 -12.75 6.30 16.41
N LEU C 116 -11.47 6.39 16.02
CA LEU C 116 -11.15 6.93 14.72
C LEU C 116 -11.87 6.11 13.65
N GLU C 117 -11.83 4.79 13.78
CA GLU C 117 -12.51 3.91 12.81
C GLU C 117 -14.00 4.19 12.78
N LYS C 118 -14.57 4.36 13.97
CA LYS C 118 -16.00 4.65 14.09
C LYS C 118 -16.28 5.92 13.30
N SER C 119 -15.47 6.94 13.53
CA SER C 119 -15.65 8.20 12.81
C SER C 119 -15.59 7.99 11.31
N PHE C 120 -14.51 7.33 10.86
CA PHE C 120 -14.33 7.07 9.44
C PHE C 120 -15.64 6.50 8.85
N MET C 121 -16.27 5.61 9.62
CA MET C 121 -17.52 4.98 9.23
C MET C 121 -18.59 6.03 8.98
N GLU C 122 -18.70 6.99 9.89
CA GLU C 122 -19.68 8.05 9.73
C GLU C 122 -19.35 8.90 8.53
N ASN C 123 -18.17 9.52 8.56
CA ASN C 123 -17.74 10.38 7.46
C ASN C 123 -16.31 10.00 7.05
N GLN C 124 -16.16 9.57 5.80
CA GLN C 124 -14.86 9.19 5.26
C GLN C 124 -13.95 10.39 5.04
N LYS C 125 -14.53 11.54 4.66
CA LYS C 125 -13.73 12.73 4.39
C LYS C 125 -14.12 13.99 5.18
N PRO C 126 -13.80 14.04 6.49
CA PRO C 126 -14.11 15.20 7.33
C PRO C 126 -13.32 16.42 6.91
N THR C 127 -13.92 17.60 7.04
CA THR C 127 -13.28 18.86 6.66
C THR C 127 -12.26 19.32 7.68
N SER C 128 -11.46 20.31 7.29
CA SER C 128 -10.44 20.83 8.19
C SER C 128 -11.06 21.15 9.55
N GLU C 129 -12.30 21.65 9.51
CA GLU C 129 -13.02 21.99 10.73
C GLU C 129 -13.43 20.74 11.50
N ASP C 130 -14.08 19.80 10.80
CA ASP C 130 -14.52 18.54 11.40
C ASP C 130 -13.30 17.95 12.07
N ILE C 131 -12.23 17.84 11.28
CA ILE C 131 -10.97 17.28 11.73
C ILE C 131 -10.42 17.95 13.01
N THR C 132 -10.32 19.28 13.01
CA THR C 132 -9.79 20.00 14.17
C THR C 132 -10.57 19.63 15.42
N LEU C 133 -11.88 19.51 15.27
CA LEU C 133 -12.75 19.14 16.37
C LEU C 133 -12.31 17.79 16.90
N ILE C 134 -12.40 16.80 16.02
CA ILE C 134 -12.04 15.41 16.33
C ILE C 134 -10.67 15.32 17.02
N ALA C 135 -9.75 16.19 16.65
CA ALA C 135 -8.41 16.19 17.25
C ALA C 135 -8.51 16.57 18.71
N GLU C 136 -8.97 17.79 18.98
CA GLU C 136 -9.10 18.24 20.36
C GLU C 136 -9.94 17.22 21.12
N GLN C 137 -11.07 16.82 20.53
CA GLN C 137 -11.95 15.83 21.14
C GLN C 137 -11.18 14.61 21.64
N LEU C 138 -10.19 14.17 20.86
CA LEU C 138 -9.37 13.01 21.20
C LEU C 138 -8.08 13.44 21.86
N ASN C 139 -7.82 14.74 21.84
CA ASN C 139 -6.60 15.30 22.41
C ASN C 139 -5.45 14.65 21.64
N MET C 140 -5.38 15.00 20.35
CA MET C 140 -4.36 14.51 19.43
C MET C 140 -4.03 15.68 18.53
N GLU C 141 -2.79 15.75 18.06
CA GLU C 141 -2.39 16.82 17.17
C GLU C 141 -3.20 16.79 15.86
N LYS C 142 -3.54 17.97 15.34
CA LYS C 142 -4.33 18.05 14.12
C LYS C 142 -3.75 17.30 12.92
N GLU C 143 -2.51 17.60 12.58
CA GLU C 143 -1.84 16.98 11.44
C GLU C 143 -1.88 15.45 11.49
N VAL C 144 -1.70 14.90 12.68
CA VAL C 144 -1.73 13.46 12.88
C VAL C 144 -3.07 12.88 12.49
N ILE C 145 -4.12 13.62 12.84
CA ILE C 145 -5.46 13.20 12.54
C ILE C 145 -5.77 13.36 11.05
N ARG C 146 -5.30 14.46 10.46
CA ARG C 146 -5.55 14.70 9.04
C ARG C 146 -4.90 13.54 8.27
N VAL C 147 -3.69 13.19 8.68
CA VAL C 147 -2.96 12.12 8.01
C VAL C 147 -3.63 10.76 8.20
N TRP C 148 -4.21 10.52 9.38
CA TRP C 148 -4.85 9.24 9.67
C TRP C 148 -6.02 9.01 8.71
N PHE C 149 -6.83 10.05 8.50
CA PHE C 149 -7.95 9.94 7.58
C PHE C 149 -7.46 9.79 6.14
N SER C 150 -6.36 10.48 5.82
CA SER C 150 -5.82 10.33 4.46
C SER C 150 -5.37 8.87 4.26
N ASN C 151 -4.63 8.32 5.23
CA ASN C 151 -4.16 6.95 5.13
C ASN C 151 -5.33 5.97 5.09
N ARG C 152 -6.38 6.28 5.84
CA ARG C 152 -7.53 5.40 5.88
C ARG C 152 -8.29 5.36 4.55
N ARG C 153 -8.42 6.51 3.88
CA ARG C 153 -9.08 6.59 2.58
C ARG C 153 -8.25 5.81 1.54
N GLN C 154 -6.94 5.89 1.68
CA GLN C 154 -6.04 5.17 0.77
C GLN C 154 -6.19 3.67 0.97
N LYS C 155 -6.22 3.21 2.21
CA LYS C 155 -6.34 1.81 2.50
C LYS C 155 -7.66 1.22 1.96
N GLU C 156 -8.70 2.04 2.01
CA GLU C 156 -10.02 1.65 1.53
C GLU C 156 -10.02 1.47 0.02
N LYS C 157 -9.10 2.14 -0.70
CA LYS C 157 -9.05 2.02 -2.14
C LYS C 157 -8.20 0.81 -2.57
N ARG C 158 -7.55 0.14 -1.62
CA ARG C 158 -6.73 -1.04 -1.95
C ARG C 158 -7.61 -2.23 -2.37
N ILE C 159 -7.04 -3.12 -3.16
CA ILE C 159 -7.73 -4.34 -3.59
C ILE C 159 -7.96 -5.17 -2.34
N ASN C 160 -6.88 -5.43 -1.62
CA ASN C 160 -6.94 -6.18 -0.37
C ASN C 160 -6.46 -5.33 0.81
#